data_8OHT
#
_entry.id   8OHT
#
_cell.length_a   82.750
_cell.length_b   44.670
_cell.length_c   136.268
_cell.angle_alpha   90.000
_cell.angle_beta   97.461
_cell.angle_gamma   90.000
#
_symmetry.space_group_name_H-M   'I 1 2 1'
#
loop_
_entity.id
_entity.type
_entity.pdbx_description
1 polymer 'beta-glucuronidase from Acidobacterium capsulatum'
2 non-polymer '(3~{S},4~{S},5~{S},6~{R})-4,5,6-tris(oxidanyl)piperidine-3-carboxylic acid'
3 non-polymer 'SULFATE ION'
4 water water
#
_entity_poly.entity_id   1
_entity_poly.type   'polypeptide(L)'
_entity_poly.pdbx_seq_one_letter_code
;MAFARGGLAQTASQTTSSPVRVGLSVDASALGHTIPPDYTGLSYEQAQMANPNYFSGANTQLAGFLRTLGRQGVLRIGGN
TSEYTFWNRHAKPTAADEHLAAGPDKGHHAAAREVITPEAVNNLSEFLDKTGWKLIYGLNLGKGTPENAADEAAYVMETI
GADRLLAFQLGNEPDLFYRNGIRPASYDFAAYAGDWQRFFTAIRKRVPNAPFAGPDTAYNTKWLVPFADKFKHDVKFISS
HYYAEGPPTDPSMTIERLMKPNPRLLGETAGLKQVEADTGLPFRLTETNSCYQGGKQGVSDTFAAALWAGDLMYQQAAAG
STGINFHGGGYGWYTPVAGTPEDGFIARPEYYGMLLFAQAGAGQLLGAKLTDNSAAPLLTAYALRGTDGRTRIALFNKNL
DADVEVAISGVASPSGTVLRLEAPRADDTTDVTFGGAPVGASGSWSPLVQEYVPGHSGQFVLHMRKASGALLEFA
;
_entity_poly.pdbx_strand_id   AAA
#
loop_
_chem_comp.id
_chem_comp.type
_chem_comp.name
_chem_comp.formula
SO4 non-polymer 'SULFATE ION' 'O4 S -2'
VON non-polymer '(3~{S},4~{S},5~{S},6~{R})-4,5,6-tris(oxidanyl)piperidine-3-carboxylic acid' 'C6 H11 N O5'
#
# COMPACT_ATOMS: atom_id res chain seq x y z
N SER A 17 17.62 -26.72 10.93
CA SER A 17 18.69 -26.85 11.98
C SER A 17 18.31 -25.99 13.20
N SER A 18 18.07 -26.66 14.34
CA SER A 18 17.75 -26.11 15.69
C SER A 18 16.59 -25.12 15.64
N PRO A 19 15.49 -25.45 14.94
CA PRO A 19 14.44 -24.45 14.82
C PRO A 19 13.69 -24.33 16.14
N VAL A 20 13.02 -23.21 16.33
CA VAL A 20 12.04 -23.04 17.41
C VAL A 20 10.78 -23.74 16.98
N ARG A 21 10.27 -24.55 17.88
N ARG A 21 10.38 -24.83 17.63
CA ARG A 21 9.14 -25.40 17.56
CA ARG A 21 9.16 -25.61 17.28
C ARG A 21 7.93 -24.64 18.00
C ARG A 21 7.92 -24.91 17.88
N VAL A 22 7.08 -24.27 17.03
CA VAL A 22 5.87 -23.55 17.40
C VAL A 22 4.67 -24.29 16.88
N GLY A 23 3.53 -23.98 17.50
CA GLY A 23 2.26 -24.51 17.02
C GLY A 23 1.43 -23.40 16.37
N LEU A 24 0.73 -23.82 15.31
CA LEU A 24 -0.22 -22.91 14.63
C LEU A 24 -1.52 -23.67 14.55
N SER A 25 -2.56 -23.09 15.12
CA SER A 25 -3.90 -23.68 15.14
C SER A 25 -4.84 -22.85 14.29
N VAL A 26 -5.35 -23.43 13.25
CA VAL A 26 -6.29 -22.72 12.36
C VAL A 26 -7.69 -23.06 12.85
N ASP A 27 -8.57 -22.10 12.94
CA ASP A 27 -9.97 -22.29 13.37
C ASP A 27 -10.86 -21.76 12.28
N ALA A 28 -11.42 -22.64 11.50
CA ALA A 28 -12.32 -22.28 10.39
C ALA A 28 -13.62 -21.65 10.90
N SER A 29 -13.91 -21.78 12.20
CA SER A 29 -15.11 -21.17 12.77
C SER A 29 -14.84 -19.81 13.35
N ALA A 30 -13.58 -19.36 13.38
CA ALA A 30 -13.24 -18.06 13.98
C ALA A 30 -13.15 -17.08 12.84
N LEU A 31 -14.24 -16.50 12.43
CA LEU A 31 -14.32 -15.74 11.20
C LEU A 31 -13.83 -14.34 11.41
N GLY A 32 -12.95 -13.92 10.54
CA GLY A 32 -12.43 -12.55 10.51
C GLY A 32 -13.00 -11.82 9.34
N HIS A 33 -12.33 -10.75 8.94
CA HIS A 33 -12.78 -9.92 7.84
C HIS A 33 -12.63 -10.65 6.52
N THR A 34 -13.45 -10.26 5.59
CA THR A 34 -13.36 -10.64 4.19
C THR A 34 -12.49 -9.65 3.44
N ILE A 35 -11.39 -10.11 2.89
CA ILE A 35 -10.48 -9.25 2.14
C ILE A 35 -11.16 -8.85 0.86
N PRO A 36 -11.31 -7.57 0.56
CA PRO A 36 -11.93 -7.18 -0.69
C PRO A 36 -11.01 -7.42 -1.85
N PRO A 37 -11.54 -7.60 -3.08
CA PRO A 37 -10.70 -7.91 -4.21
C PRO A 37 -9.78 -6.74 -4.63
N ASP A 38 -10.15 -5.52 -4.28
CA ASP A 38 -9.34 -4.34 -4.59
C ASP A 38 -8.54 -3.85 -3.40
N TYR A 39 -8.19 -4.75 -2.52
CA TYR A 39 -7.41 -4.38 -1.33
C TYR A 39 -6.04 -3.82 -1.71
N THR A 40 -5.33 -4.47 -2.65
CA THR A 40 -3.96 -4.06 -2.95
C THR A 40 -3.97 -2.69 -3.59
N GLY A 41 -2.78 -2.10 -3.63
CA GLY A 41 -2.65 -0.83 -4.31
C GLY A 41 -1.28 -0.23 -4.14
N LEU A 42 -1.10 0.82 -4.90
CA LEU A 42 0.14 1.59 -4.95
C LEU A 42 -0.19 3.05 -4.85
N SER A 43 0.74 3.85 -4.38
CA SER A 43 0.64 5.30 -4.35
C SER A 43 1.85 5.87 -5.06
N TYR A 44 1.60 6.93 -5.78
CA TYR A 44 2.62 7.67 -6.56
C TYR A 44 2.47 9.15 -6.32
N GLU A 45 3.54 9.85 -6.60
CA GLU A 45 3.56 11.31 -6.59
C GLU A 45 2.77 11.85 -7.75
N GLN A 46 1.98 12.85 -7.49
CA GLN A 46 1.21 13.54 -8.52
C GLN A 46 2.10 14.14 -9.56
N ALA A 47 3.30 14.55 -9.20
CA ALA A 47 4.25 15.11 -10.18
C ALA A 47 4.40 14.14 -11.34
N GLN A 48 4.25 12.85 -11.11
CA GLN A 48 4.45 11.89 -12.21
C GLN A 48 3.48 12.13 -13.33
N MET A 49 2.34 12.74 -13.07
CA MET A 49 1.35 13.07 -14.11
C MET A 49 1.86 14.12 -15.07
N ALA A 50 2.97 14.74 -14.81
CA ALA A 50 3.56 15.63 -15.80
C ALA A 50 4.05 14.85 -17.02
N ASN A 51 4.33 13.58 -16.89
CA ASN A 51 4.88 12.75 -17.95
C ASN A 51 3.77 11.88 -18.47
N PRO A 52 3.16 12.19 -19.63
CA PRO A 52 2.07 11.38 -20.15
C PRO A 52 2.45 9.99 -20.55
N ASN A 53 3.74 9.69 -20.60
CA ASN A 53 4.21 8.35 -20.96
C ASN A 53 4.21 7.40 -19.79
N TYR A 54 4.00 7.91 -18.58
CA TYR A 54 4.19 7.05 -17.40
C TYR A 54 2.91 6.29 -17.11
N PHE A 55 1.87 6.97 -16.69
CA PHE A 55 0.56 6.32 -16.58
C PHE A 55 -0.10 6.37 -17.94
N SER A 56 0.24 5.40 -18.78
CA SER A 56 -0.20 5.40 -20.17
C SER A 56 -0.51 3.98 -20.58
N GLY A 57 -1.47 3.84 -21.47
CA GLY A 57 -1.71 2.54 -22.10
C GLY A 57 -0.47 2.03 -22.81
N ALA A 58 0.41 2.87 -23.21
CA ALA A 58 1.67 2.44 -23.85
C ALA A 58 2.67 1.87 -22.85
N ASN A 59 2.47 2.10 -21.56
CA ASN A 59 3.39 1.61 -20.52
C ASN A 59 2.94 0.22 -20.15
N THR A 60 3.26 -0.72 -21.03
CA THR A 60 2.85 -2.11 -20.84
C THR A 60 3.69 -2.76 -19.72
N GLN A 61 4.88 -2.30 -19.54
CA GLN A 61 5.70 -2.90 -18.48
C GLN A 61 5.08 -2.61 -17.13
N LEU A 62 4.83 -1.35 -16.85
CA LEU A 62 4.28 -0.99 -15.52
C LEU A 62 2.92 -1.60 -15.36
N ALA A 63 2.10 -1.58 -16.41
CA ALA A 63 0.77 -2.20 -16.30
C ALA A 63 0.90 -3.66 -15.90
N GLY A 64 1.87 -4.36 -16.45
CA GLY A 64 2.02 -5.78 -16.10
C GLY A 64 2.43 -5.98 -14.66
N PHE A 65 3.30 -5.12 -14.16
CA PHE A 65 3.64 -5.20 -12.74
C PHE A 65 2.41 -4.97 -11.87
N LEU A 66 1.51 -4.07 -12.24
CA LEU A 66 0.29 -3.86 -11.43
C LEU A 66 -0.60 -5.06 -11.54
N ARG A 67 -0.81 -5.61 -12.73
CA ARG A 67 -1.74 -6.74 -12.84
C ARG A 67 -1.23 -7.91 -12.00
N THR A 68 0.06 -8.13 -11.92
CA THR A 68 0.59 -9.21 -11.10
C THR A 68 0.30 -8.97 -9.63
N LEU A 69 0.29 -7.71 -9.19
CA LEU A 69 -0.08 -7.39 -7.83
C LEU A 69 -1.57 -7.61 -7.57
N GLY A 70 -2.41 -7.50 -8.55
CA GLY A 70 -3.82 -7.80 -8.32
C GLY A 70 -4.57 -7.51 -9.55
N ARG A 71 -5.54 -8.37 -9.85
CA ARG A 71 -6.44 -8.11 -10.92
C ARG A 71 -7.40 -6.99 -10.61
N GLN A 72 -7.57 -6.69 -9.35
CA GLN A 72 -8.24 -5.49 -8.88
C GLN A 72 -7.32 -4.84 -7.85
N GLY A 73 -7.39 -3.54 -7.76
CA GLY A 73 -6.49 -2.76 -6.89
C GLY A 73 -6.71 -1.33 -7.14
N VAL A 74 -6.01 -0.49 -6.41
CA VAL A 74 -6.21 0.95 -6.50
C VAL A 74 -4.88 1.64 -6.69
N LEU A 75 -4.87 2.52 -7.66
CA LEU A 75 -3.77 3.45 -7.90
C LEU A 75 -4.12 4.76 -7.25
N ARG A 76 -3.33 5.20 -6.27
CA ARG A 76 -3.52 6.51 -5.63
C ARG A 76 -2.42 7.42 -6.16
N ILE A 77 -2.81 8.62 -6.52
CA ILE A 77 -1.88 9.64 -7.02
C ILE A 77 -2.03 10.82 -6.07
N GLY A 78 -0.94 11.26 -5.48
CA GLY A 78 -1.02 12.37 -4.54
C GLY A 78 0.34 12.70 -4.01
N GLY A 79 0.52 12.62 -2.70
CA GLY A 79 1.81 12.87 -2.10
C GLY A 79 2.12 14.33 -1.97
N ASN A 80 3.32 14.62 -1.51
CA ASN A 80 3.71 16.04 -1.32
C ASN A 80 3.66 16.81 -2.61
N THR A 81 3.98 16.15 -3.72
CA THR A 81 4.02 16.87 -4.99
C THR A 81 2.62 17.30 -5.40
N SER A 82 1.57 16.79 -4.81
CA SER A 82 0.21 17.20 -5.19
C SER A 82 -0.09 18.64 -4.86
N GLU A 83 0.72 19.28 -4.01
CA GLU A 83 0.57 20.71 -3.72
C GLU A 83 1.33 21.55 -4.75
N TYR A 84 2.10 20.93 -5.62
CA TYR A 84 3.00 21.63 -6.54
C TYR A 84 2.61 21.32 -7.97
N THR A 85 1.56 20.61 -8.24
CA THR A 85 1.10 20.27 -9.57
C THR A 85 -0.07 21.13 -9.91
N PHE A 86 -0.04 21.67 -11.10
CA PHE A 86 -1.03 22.67 -11.56
C PHE A 86 -1.61 22.21 -12.87
N TRP A 87 -2.80 21.66 -12.81
CA TRP A 87 -3.58 21.32 -14.00
C TRP A 87 -3.78 22.59 -14.83
N ASN A 88 -3.68 22.46 -16.12
CA ASN A 88 -4.05 23.52 -17.04
C ASN A 88 -4.66 22.87 -18.24
N ARG A 89 -5.93 23.18 -18.49
CA ARG A 89 -6.67 22.62 -19.57
C ARG A 89 -6.05 22.92 -20.92
N HIS A 90 -5.23 23.95 -21.09
CA HIS A 90 -4.66 24.16 -22.45
C HIS A 90 -3.27 23.60 -22.55
N ALA A 91 -2.70 23.04 -21.52
CA ALA A 91 -1.28 22.73 -21.58
C ALA A 91 -1.03 21.45 -22.34
N LYS A 92 0.16 21.41 -22.94
CA LYS A 92 0.68 20.18 -23.57
C LYS A 92 2.01 19.88 -22.93
N PRO A 93 2.35 18.59 -22.80
CA PRO A 93 3.59 18.23 -22.14
C PRO A 93 4.81 18.82 -22.87
N THR A 94 5.77 19.32 -22.11
CA THR A 94 7.10 19.68 -22.67
C THR A 94 7.98 18.46 -22.88
N ALA A 95 9.08 18.63 -23.63
CA ALA A 95 10.10 17.57 -23.82
C ALA A 95 10.62 17.09 -22.46
N ALA A 96 10.91 17.97 -21.51
CA ALA A 96 11.40 17.59 -20.17
C ALA A 96 10.34 16.71 -19.51
N ASP A 97 9.06 17.11 -19.65
CA ASP A 97 7.98 16.40 -18.97
C ASP A 97 7.93 14.97 -19.49
N GLU A 98 8.14 14.78 -20.78
CA GLU A 98 8.00 13.45 -21.39
C GLU A 98 9.09 12.49 -20.89
N HIS A 99 10.08 12.95 -20.17
CA HIS A 99 11.12 12.07 -19.57
C HIS A 99 11.09 12.11 -18.05
N LEU A 100 10.12 12.78 -17.43
CA LEU A 100 10.19 12.93 -15.96
C LEU A 100 9.88 11.61 -15.29
N ALA A 101 10.76 11.27 -14.33
CA ALA A 101 10.64 10.13 -13.41
C ALA A 101 10.49 10.65 -12.01
N ALA A 102 9.27 10.74 -11.50
CA ALA A 102 8.99 11.41 -10.21
C ALA A 102 9.05 10.37 -9.11
N GLY A 103 10.14 10.29 -8.43
CA GLY A 103 10.20 9.41 -7.28
C GLY A 103 9.54 10.03 -6.08
N PRO A 104 9.50 9.29 -4.97
N PRO A 104 9.34 9.23 -5.01
CA PRO A 104 8.75 9.72 -3.80
CA PRO A 104 8.84 9.77 -3.77
C PRO A 104 9.44 10.96 -3.27
C PRO A 104 9.48 11.08 -3.40
N ASP A 105 8.65 11.99 -2.92
CA ASP A 105 9.18 13.28 -2.48
C ASP A 105 9.97 13.06 -1.20
N LYS A 106 11.16 13.61 -1.14
CA LYS A 106 12.06 13.34 0.00
C LYS A 106 11.71 14.25 1.17
N GLY A 107 10.86 15.25 1.03
CA GLY A 107 10.39 16.06 2.16
C GLY A 107 11.46 16.98 2.73
N HIS A 108 12.44 17.36 1.97
CA HIS A 108 13.52 18.25 2.48
C HIS A 108 13.25 19.69 2.06
N HIS A 109 12.56 19.91 0.94
CA HIS A 109 12.34 21.27 0.43
C HIS A 109 11.18 21.19 -0.52
N ALA A 110 10.75 22.33 -0.99
CA ALA A 110 9.56 22.43 -1.84
C ALA A 110 9.87 21.63 -3.09
N ALA A 111 8.88 20.87 -3.54
CA ALA A 111 8.95 20.20 -4.82
C ALA A 111 8.94 21.23 -5.94
N ALA A 112 9.39 20.82 -7.10
CA ALA A 112 9.32 21.62 -8.32
C ALA A 112 7.88 21.79 -8.80
N ARG A 113 7.54 22.94 -9.30
CA ARG A 113 6.23 23.14 -9.93
C ARG A 113 6.11 22.23 -11.15
N GLU A 114 4.99 21.58 -11.34
CA GLU A 114 4.74 20.76 -12.52
C GLU A 114 3.36 21.09 -13.05
N VAL A 115 3.16 20.79 -14.31
CA VAL A 115 1.89 21.01 -14.98
C VAL A 115 1.27 19.67 -15.31
N ILE A 116 -0.02 19.55 -15.12
CA ILE A 116 -0.76 18.38 -15.59
C ILE A 116 -1.62 18.79 -16.77
N THR A 117 -1.60 17.96 -17.77
CA THR A 117 -2.23 18.23 -19.06
C THR A 117 -3.39 17.30 -19.31
N PRO A 118 -4.31 17.71 -20.20
CA PRO A 118 -5.33 16.77 -20.67
C PRO A 118 -4.74 15.48 -21.19
N GLU A 119 -3.67 15.57 -21.94
CA GLU A 119 -3.09 14.34 -22.51
C GLU A 119 -2.72 13.36 -21.40
N ALA A 120 -2.13 13.87 -20.31
CA ALA A 120 -1.79 12.96 -19.23
C ALA A 120 -3.03 12.32 -18.63
N VAL A 121 -4.06 13.06 -18.45
CA VAL A 121 -5.29 12.45 -17.91
C VAL A 121 -5.90 11.44 -18.85
N ASN A 122 -5.86 11.76 -20.14
CA ASN A 122 -6.36 10.82 -21.18
C ASN A 122 -5.57 9.52 -21.08
N ASN A 123 -4.26 9.65 -20.95
CA ASN A 123 -3.41 8.46 -20.92
C ASN A 123 -3.56 7.69 -19.63
N LEU A 124 -3.81 8.39 -18.54
CA LEU A 124 -4.08 7.72 -17.26
C LEU A 124 -5.33 6.86 -17.41
N SER A 125 -6.35 7.36 -18.09
CA SER A 125 -7.56 6.57 -18.28
C SER A 125 -7.23 5.27 -18.98
N GLU A 126 -6.41 5.31 -19.99
CA GLU A 126 -6.08 4.10 -20.72
C GLU A 126 -5.21 3.20 -19.84
N PHE A 127 -4.35 3.75 -18.99
CA PHE A 127 -3.60 2.89 -18.08
C PHE A 127 -4.52 2.21 -17.10
N LEU A 128 -5.51 2.88 -16.59
CA LEU A 128 -6.47 2.25 -15.67
C LEU A 128 -7.24 1.18 -16.44
N ASP A 129 -7.56 1.38 -17.71
CA ASP A 129 -8.25 0.32 -18.47
C ASP A 129 -7.33 -0.86 -18.63
N LYS A 130 -6.08 -0.72 -18.92
CA LYS A 130 -5.14 -1.85 -19.15
C LYS A 130 -4.88 -2.59 -17.84
N THR A 131 -4.88 -1.93 -16.70
CA THR A 131 -4.60 -2.60 -15.41
C THR A 131 -5.85 -3.13 -14.76
N GLY A 132 -6.95 -2.55 -15.03
CA GLY A 132 -8.18 -2.83 -14.28
C GLY A 132 -8.27 -2.20 -12.90
N TRP A 133 -7.34 -1.33 -12.54
CA TRP A 133 -7.31 -0.72 -11.22
C TRP A 133 -8.21 0.50 -11.19
N LYS A 134 -8.61 0.88 -10.01
CA LYS A 134 -9.36 2.12 -9.78
C LYS A 134 -8.43 3.23 -9.30
N LEU A 135 -8.93 4.43 -9.25
CA LEU A 135 -8.09 5.60 -9.06
C LEU A 135 -8.51 6.40 -7.85
N ILE A 136 -7.55 6.79 -7.01
CA ILE A 136 -7.70 7.90 -6.03
C ILE A 136 -6.84 9.00 -6.53
N TYR A 137 -7.39 10.18 -6.74
CA TYR A 137 -6.72 11.27 -7.42
C TYR A 137 -6.66 12.50 -6.53
N GLY A 138 -5.46 12.96 -6.23
CA GLY A 138 -5.27 14.14 -5.43
C GLY A 138 -5.60 15.41 -6.21
N LEU A 139 -6.08 16.38 -5.52
CA LEU A 139 -6.28 17.73 -6.01
C LEU A 139 -5.46 18.70 -5.17
N ASN A 140 -5.11 19.82 -5.78
CA ASN A 140 -4.13 20.71 -5.20
C ASN A 140 -4.84 21.74 -4.31
N LEU A 141 -5.06 21.33 -3.06
CA LEU A 141 -5.62 22.23 -2.04
C LEU A 141 -4.48 22.98 -1.36
N GLY A 142 -3.28 22.47 -1.37
CA GLY A 142 -2.20 23.15 -0.70
C GLY A 142 -1.90 24.50 -1.32
N LYS A 143 -1.78 24.55 -2.61
CA LYS A 143 -1.40 25.82 -3.28
C LYS A 143 -2.37 26.21 -4.33
N GLY A 144 -3.24 25.35 -4.85
CA GLY A 144 -4.06 25.67 -5.97
C GLY A 144 -5.35 26.36 -5.59
N THR A 145 -6.17 26.60 -6.58
CA THR A 145 -7.46 27.26 -6.35
C THR A 145 -8.58 26.26 -6.37
N PRO A 146 -9.69 26.57 -5.68
CA PRO A 146 -10.89 25.76 -5.79
C PRO A 146 -11.37 25.60 -7.23
N GLU A 147 -11.35 26.70 -7.97
CA GLU A 147 -11.89 26.66 -9.33
C GLU A 147 -11.02 25.77 -10.23
N ASN A 148 -9.71 25.80 -10.05
CA ASN A 148 -8.89 24.92 -10.85
C ASN A 148 -9.04 23.47 -10.45
N ALA A 149 -9.21 23.23 -9.15
CA ALA A 149 -9.50 21.88 -8.69
C ALA A 149 -10.79 21.37 -9.30
N ALA A 150 -11.79 22.23 -9.36
CA ALA A 150 -13.05 21.84 -9.97
C ALA A 150 -12.89 21.47 -11.43
N ASP A 151 -12.06 22.25 -12.10
CA ASP A 151 -11.82 22.03 -13.53
C ASP A 151 -11.06 20.74 -13.77
N GLU A 152 -10.06 20.48 -12.92
CA GLU A 152 -9.25 19.25 -13.00
C GLU A 152 -10.15 18.06 -12.67
N ALA A 153 -10.91 18.16 -11.60
CA ALA A 153 -11.84 17.10 -11.21
C ALA A 153 -12.83 16.81 -12.35
N ALA A 154 -13.33 17.87 -12.97
CA ALA A 154 -14.31 17.69 -14.07
C ALA A 154 -13.65 16.90 -15.18
N TYR A 155 -12.42 17.25 -15.55
CA TYR A 155 -11.77 16.57 -16.65
C TYR A 155 -11.48 15.11 -16.30
N VAL A 156 -11.02 14.90 -15.06
CA VAL A 156 -10.77 13.52 -14.61
C VAL A 156 -12.09 12.73 -14.63
N MET A 157 -13.13 13.30 -14.12
CA MET A 157 -14.39 12.55 -14.11
C MET A 157 -14.83 12.31 -15.57
N GLU A 158 -14.72 13.31 -16.43
CA GLU A 158 -15.13 13.18 -17.85
C GLU A 158 -14.41 12.03 -18.49
N THR A 159 -13.12 12.00 -18.20
N THR A 159 -13.10 11.85 -18.28
CA THR A 159 -12.21 11.15 -18.95
CA THR A 159 -12.30 10.87 -19.07
C THR A 159 -12.17 9.74 -18.33
C THR A 159 -12.00 9.58 -18.34
N ILE A 160 -11.92 9.65 -17.02
CA ILE A 160 -11.72 8.39 -16.32
C ILE A 160 -13.04 7.73 -16.08
N GLY A 161 -14.03 8.49 -15.71
CA GLY A 161 -15.40 7.96 -15.56
C GLY A 161 -15.63 7.58 -14.11
N ALA A 162 -16.87 7.58 -13.71
CA ALA A 162 -17.28 7.33 -12.33
C ALA A 162 -16.91 5.94 -11.88
N ASP A 163 -16.96 4.97 -12.76
CA ASP A 163 -16.73 3.59 -12.31
C ASP A 163 -15.27 3.42 -11.88
N ARG A 164 -14.34 4.06 -12.55
CA ARG A 164 -12.91 3.88 -12.23
C ARG A 164 -12.45 4.90 -11.21
N LEU A 165 -13.09 6.01 -11.07
CA LEU A 165 -12.67 7.04 -10.11
C LEU A 165 -13.27 6.72 -8.76
N LEU A 166 -12.44 6.30 -7.82
CA LEU A 166 -12.87 5.93 -6.48
C LEU A 166 -13.04 7.18 -5.62
N ALA A 167 -12.08 8.09 -5.64
CA ALA A 167 -12.15 9.28 -4.82
C ALA A 167 -11.19 10.31 -5.29
N PHE A 168 -11.59 11.56 -5.11
CA PHE A 168 -10.67 12.68 -5.06
C PHE A 168 -10.27 12.96 -3.63
N GLN A 169 -9.05 13.43 -3.44
CA GLN A 169 -8.57 13.86 -2.13
C GLN A 169 -8.15 15.30 -2.20
N LEU A 170 -8.51 16.10 -1.23
CA LEU A 170 -8.28 17.56 -1.24
C LEU A 170 -7.11 17.87 -0.34
N GLY A 171 -5.93 17.75 -0.93
CA GLY A 171 -4.68 17.91 -0.22
C GLY A 171 -4.17 16.58 0.29
N ASN A 172 -2.86 16.54 0.46
CA ASN A 172 -2.10 15.43 1.03
C ASN A 172 -1.53 15.89 2.34
N GLU A 173 -1.67 15.10 3.39
CA GLU A 173 -1.05 15.38 4.69
C GLU A 173 -1.21 16.85 5.04
N PRO A 174 -2.44 17.35 5.14
CA PRO A 174 -2.66 18.77 5.43
C PRO A 174 -2.21 19.16 6.82
N ASP A 175 -2.06 18.21 7.71
CA ASP A 175 -1.54 18.47 9.05
C ASP A 175 -0.06 18.80 8.97
N LEU A 176 0.62 18.61 7.89
CA LEU A 176 2.03 18.92 7.72
C LEU A 176 2.22 20.08 6.78
N PHE A 177 1.15 20.83 6.42
CA PHE A 177 1.37 21.96 5.50
C PHE A 177 2.36 22.93 6.09
N TYR A 178 2.16 23.20 7.36
CA TYR A 178 3.07 24.19 7.97
C TYR A 178 4.52 23.67 8.01
N ARG A 179 4.76 22.42 8.41
CA ARG A 179 6.12 21.83 8.44
C ARG A 179 6.72 21.99 7.04
N ASN A 180 5.93 21.84 5.97
N ASN A 180 5.86 21.90 6.04
CA ASN A 180 6.48 21.97 4.58
CA ASN A 180 6.27 21.90 4.61
C ASN A 180 6.23 23.37 3.98
C ASN A 180 6.39 23.33 4.07
N GLY A 181 5.94 24.40 4.76
CA GLY A 181 5.98 25.75 4.19
C GLY A 181 4.80 26.13 3.31
N ILE A 182 3.70 25.35 3.28
CA ILE A 182 2.43 25.43 2.48
C ILE A 182 1.39 26.30 3.20
N ARG A 183 1.36 26.27 4.54
N ARG A 183 1.65 26.46 4.48
CA ARG A 183 0.45 27.11 5.36
CA ARG A 183 0.71 27.26 5.26
C ARG A 183 1.30 27.70 6.46
C ARG A 183 1.41 27.75 6.48
N PRO A 184 0.84 28.76 7.12
CA PRO A 184 1.48 29.33 8.29
C PRO A 184 1.30 28.38 9.46
N ALA A 185 2.03 28.71 10.55
CA ALA A 185 2.04 27.89 11.77
C ALA A 185 0.65 27.78 12.40
N SER A 186 -0.20 28.72 12.16
CA SER A 186 -1.55 28.75 12.75
C SER A 186 -2.49 27.76 12.05
N TYR A 187 -2.11 27.16 10.95
CA TYR A 187 -3.03 26.30 10.18
C TYR A 187 -3.37 25.12 11.05
N ASP A 188 -4.62 24.86 11.21
CA ASP A 188 -5.13 23.80 12.08
C ASP A 188 -6.30 23.13 11.39
N PHE A 189 -6.92 22.19 12.05
CA PHE A 189 -8.06 21.50 11.45
C PHE A 189 -9.13 22.50 11.04
N ALA A 190 -9.48 23.45 11.91
CA ALA A 190 -10.54 24.35 11.54
C ALA A 190 -10.22 25.10 10.24
N ALA A 191 -8.98 25.53 10.09
CA ALA A 191 -8.60 26.20 8.83
C ALA A 191 -8.71 25.26 7.65
N TYR A 192 -8.24 24.04 7.81
CA TYR A 192 -8.33 23.04 6.75
C TYR A 192 -9.76 22.73 6.44
N ALA A 193 -10.64 22.64 7.43
CA ALA A 193 -12.05 22.36 7.15
C ALA A 193 -12.64 23.43 6.28
N GLY A 194 -12.24 24.67 6.51
CA GLY A 194 -12.73 25.76 5.66
C GLY A 194 -12.24 25.62 4.24
N ASP A 195 -10.97 25.29 4.08
CA ASP A 195 -10.42 25.08 2.74
C ASP A 195 -11.16 23.89 2.07
N TRP A 196 -11.31 22.81 2.83
CA TRP A 196 -11.93 21.60 2.29
C TRP A 196 -13.30 21.92 1.78
N GLN A 197 -14.08 22.66 2.56
N GLN A 197 -14.07 22.65 2.60
CA GLN A 197 -15.45 22.98 2.14
CA GLN A 197 -15.44 23.07 2.25
C GLN A 197 -15.42 23.90 0.92
C GLN A 197 -15.40 23.85 0.96
N ARG A 198 -14.51 24.83 0.85
CA ARG A 198 -14.47 25.68 -0.36
C ARG A 198 -14.15 24.84 -1.58
N PHE A 199 -13.22 23.93 -1.47
CA PHE A 199 -12.85 23.08 -2.62
C PHE A 199 -14.00 22.15 -2.95
N PHE A 200 -14.55 21.48 -1.94
CA PHE A 200 -15.67 20.58 -2.13
C PHE A 200 -16.80 21.26 -2.86
N THR A 201 -17.16 22.44 -2.40
CA THR A 201 -18.31 23.17 -3.01
C THR A 201 -18.01 23.49 -4.46
N ALA A 202 -16.83 23.98 -4.76
CA ALA A 202 -16.47 24.31 -6.15
C ALA A 202 -16.49 23.06 -7.01
N ILE A 203 -15.92 22.00 -6.50
CA ILE A 203 -15.83 20.77 -7.31
C ILE A 203 -17.22 20.23 -7.54
N ARG A 204 -18.07 20.19 -6.53
CA ARG A 204 -19.41 19.61 -6.72
C ARG A 204 -20.24 20.46 -7.67
N LYS A 205 -19.95 21.75 -7.81
CA LYS A 205 -20.70 22.48 -8.84
C LYS A 205 -20.35 21.99 -10.23
N ARG A 206 -19.12 21.58 -10.48
CA ARG A 206 -18.72 21.09 -11.79
C ARG A 206 -18.97 19.60 -11.93
N VAL A 207 -18.98 18.89 -10.82
CA VAL A 207 -18.95 17.42 -10.80
C VAL A 207 -19.89 17.01 -9.67
N PRO A 208 -21.22 17.00 -9.91
CA PRO A 208 -22.17 16.79 -8.81
C PRO A 208 -22.01 15.46 -8.09
N ASN A 209 -21.48 14.52 -8.80
CA ASN A 209 -21.28 13.13 -8.31
C ASN A 209 -19.84 12.91 -7.86
N ALA A 210 -19.07 13.95 -7.68
CA ALA A 210 -17.64 13.74 -7.34
C ALA A 210 -17.54 13.00 -6.01
N PRO A 211 -16.78 11.91 -5.94
CA PRO A 211 -16.55 11.24 -4.67
C PRO A 211 -15.29 11.75 -4.01
N PHE A 212 -15.27 11.74 -2.70
CA PHE A 212 -14.13 12.24 -1.93
C PHE A 212 -13.71 11.25 -0.90
N ALA A 213 -12.45 11.34 -0.53
CA ALA A 213 -11.92 10.70 0.67
C ALA A 213 -11.04 11.67 1.39
N GLY A 214 -10.80 11.47 2.63
CA GLY A 214 -9.86 12.30 3.35
C GLY A 214 -9.66 11.76 4.75
N PRO A 215 -8.80 12.37 5.58
CA PRO A 215 -8.05 13.58 5.27
C PRO A 215 -6.69 13.32 4.64
N ASP A 216 -6.38 12.07 4.33
CA ASP A 216 -5.13 11.77 3.62
C ASP A 216 -3.94 12.10 4.50
N THR A 217 -4.08 12.05 5.85
N THR A 217 -3.99 11.46 5.63
CA THR A 217 -3.03 12.26 6.87
CA THR A 217 -2.87 11.62 6.52
C THR A 217 -2.75 10.89 7.54
C THR A 217 -2.88 10.58 7.60
N ALA A 218 -1.73 10.66 8.32
CA ALA A 218 -1.66 9.67 9.42
C ALA A 218 -2.79 9.90 10.42
N TYR A 219 -3.36 8.87 11.08
CA TYR A 219 -4.37 9.02 12.14
C TYR A 219 -3.78 10.01 13.13
N ASN A 220 -4.62 10.90 13.56
N ASN A 220 -4.56 11.00 13.51
CA ASN A 220 -4.34 11.72 14.74
CA ASN A 220 -4.16 12.18 14.34
C ASN A 220 -5.63 12.26 15.23
C ASN A 220 -5.45 12.62 15.05
N THR A 221 -5.52 12.79 16.40
CA THR A 221 -6.75 13.19 17.09
C THR A 221 -7.14 14.59 16.69
N LYS A 222 -6.21 15.41 16.24
CA LYS A 222 -6.57 16.81 15.99
C LYS A 222 -7.02 17.01 14.56
N TRP A 223 -6.82 16.05 13.68
CA TRP A 223 -7.19 16.19 12.27
C TRP A 223 -8.11 15.09 11.83
N LEU A 224 -7.72 13.84 11.94
CA LEU A 224 -8.50 12.80 11.26
C LEU A 224 -9.82 12.60 11.96
N VAL A 225 -9.82 12.54 13.31
CA VAL A 225 -11.08 12.31 14.04
C VAL A 225 -12.07 13.44 13.75
N PRO A 226 -11.71 14.71 13.86
CA PRO A 226 -12.68 15.75 13.57
C PRO A 226 -13.07 15.85 12.09
N PHE A 227 -12.15 15.46 11.24
CA PHE A 227 -12.49 15.42 9.80
C PHE A 227 -13.67 14.48 9.58
N ALA A 228 -13.54 13.24 10.16
CA ALA A 228 -14.60 12.25 9.97
C ALA A 228 -15.92 12.76 10.52
N ASP A 229 -15.85 13.38 11.66
CA ASP A 229 -17.10 13.87 12.29
C ASP A 229 -17.74 14.95 11.44
N LYS A 230 -16.95 15.85 10.87
CA LYS A 230 -17.51 17.01 10.16
C LYS A 230 -17.94 16.63 8.75
N PHE A 231 -17.21 15.73 8.09
CA PHE A 231 -17.39 15.51 6.65
C PHE A 231 -17.89 14.14 6.33
N LYS A 232 -18.41 13.42 7.31
CA LYS A 232 -18.84 12.03 7.04
C LYS A 232 -19.88 11.94 5.96
N HIS A 233 -20.74 12.91 5.78
CA HIS A 233 -21.72 12.82 4.69
C HIS A 233 -21.16 13.19 3.33
N ASP A 234 -19.94 13.67 3.31
CA ASP A 234 -19.33 14.26 2.09
C ASP A 234 -18.23 13.35 1.55
N VAL A 235 -17.83 12.32 2.27
CA VAL A 235 -16.74 11.43 1.83
C VAL A 235 -17.24 10.02 1.77
N LYS A 236 -16.58 9.23 0.99
CA LYS A 236 -16.89 7.81 0.87
C LYS A 236 -16.13 6.97 1.86
N PHE A 237 -14.95 7.37 2.26
CA PHE A 237 -14.13 6.61 3.19
C PHE A 237 -13.09 7.53 3.78
N ILE A 238 -12.51 7.08 4.84
CA ILE A 238 -11.38 7.73 5.50
C ILE A 238 -10.11 7.21 4.90
N SER A 239 -9.22 8.15 4.61
N SER A 239 -9.21 8.14 4.60
CA SER A 239 -7.88 7.81 4.11
CA SER A 239 -7.90 7.92 3.98
C SER A 239 -6.85 8.24 5.11
C SER A 239 -6.84 8.25 5.03
N SER A 240 -6.01 7.30 5.40
CA SER A 240 -4.94 7.43 6.39
C SER A 240 -3.61 7.09 5.76
N HIS A 241 -2.54 7.55 6.38
CA HIS A 241 -1.18 7.20 5.97
C HIS A 241 -0.48 6.51 7.12
N TYR A 242 0.56 5.76 6.83
CA TYR A 242 1.37 5.10 7.85
C TYR A 242 2.75 4.87 7.34
N TYR A 243 3.70 5.28 8.14
CA TYR A 243 5.11 4.90 7.94
C TYR A 243 5.58 4.21 9.20
N ALA A 244 6.29 3.11 9.09
CA ALA A 244 6.73 2.37 10.26
C ALA A 244 7.77 3.19 11.00
N GLU A 245 8.62 3.89 10.31
CA GLU A 245 9.50 4.85 11.00
C GLU A 245 8.61 5.87 11.80
N GLY A 246 9.11 6.24 12.99
CA GLY A 246 8.46 7.27 13.79
C GLY A 246 9.14 8.61 13.52
N PRO A 247 9.03 9.54 14.49
CA PRO A 247 9.57 10.87 14.30
C PRO A 247 11.09 10.86 14.24
N PRO A 248 11.69 11.97 13.71
CA PRO A 248 13.12 12.08 13.45
C PRO A 248 13.95 12.01 14.74
N THR A 249 13.27 12.18 15.88
CA THR A 249 13.88 12.09 17.24
C THR A 249 14.05 10.64 17.67
N ASP A 250 13.49 9.69 16.91
CA ASP A 250 13.63 8.25 17.23
C ASP A 250 15.01 7.83 16.77
N PRO A 251 15.56 6.73 17.33
CA PRO A 251 16.76 6.09 16.78
C PRO A 251 16.48 5.72 15.32
N SER A 252 17.49 5.83 14.45
CA SER A 252 17.29 5.61 12.99
C SER A 252 16.68 4.22 12.78
N MET A 253 15.63 4.08 11.96
N MET A 253 15.98 4.11 11.68
CA MET A 253 14.92 2.77 11.80
CA MET A 253 15.27 2.87 11.41
C MET A 253 15.94 1.78 11.26
C MET A 253 16.27 1.73 11.22
N THR A 254 15.88 0.56 11.74
CA THR A 254 16.72 -0.60 11.40
C THR A 254 15.81 -1.70 10.88
N ILE A 255 16.40 -2.68 10.27
CA ILE A 255 15.67 -3.90 9.91
C ILE A 255 15.13 -4.56 11.15
N GLU A 256 15.93 -4.61 12.22
CA GLU A 256 15.49 -5.26 13.46
C GLU A 256 14.18 -4.61 13.95
N ARG A 257 14.11 -3.30 13.98
N ARG A 257 14.16 -3.27 13.96
CA ARG A 257 12.89 -2.64 14.48
CA ARG A 257 12.99 -2.44 14.38
C ARG A 257 11.76 -2.77 13.46
C ARG A 257 11.81 -2.82 13.49
N LEU A 258 12.07 -2.81 12.19
CA LEU A 258 10.99 -2.96 11.19
C LEU A 258 10.27 -4.28 11.36
N MET A 259 10.94 -5.31 11.80
CA MET A 259 10.35 -6.64 11.99
C MET A 259 9.46 -6.74 13.24
N LYS A 260 9.56 -5.79 14.12
CA LYS A 260 8.84 -5.85 15.42
C LYS A 260 7.46 -5.25 15.30
N PRO A 261 6.56 -5.61 16.24
CA PRO A 261 5.29 -4.91 16.29
C PRO A 261 5.49 -3.41 16.51
N ASN A 262 4.57 -2.66 15.95
CA ASN A 262 4.61 -1.21 16.07
C ASN A 262 3.39 -0.79 16.87
N PRO A 263 3.54 -0.48 18.18
CA PRO A 263 2.36 -0.15 18.98
C PRO A 263 1.63 1.07 18.45
N ARG A 264 2.29 2.00 17.84
CA ARG A 264 1.59 3.15 17.25
C ARG A 264 0.62 2.66 16.18
N LEU A 265 1.06 1.78 15.29
CA LEU A 265 0.18 1.26 14.23
C LEU A 265 -1.06 0.64 14.87
N LEU A 266 -0.84 -0.12 15.91
CA LEU A 266 -1.97 -0.79 16.55
C LEU A 266 -2.99 0.23 17.10
N GLY A 267 -2.47 1.25 17.73
CA GLY A 267 -3.34 2.31 18.28
C GLY A 267 -4.05 3.07 17.19
N GLU A 268 -3.33 3.46 16.16
CA GLU A 268 -3.97 4.20 15.05
C GLU A 268 -5.02 3.38 14.37
N THR A 269 -4.76 2.10 14.19
CA THR A 269 -5.75 1.20 13.60
C THR A 269 -7.01 1.15 14.47
N ALA A 270 -6.81 1.01 15.79
CA ALA A 270 -7.97 1.05 16.70
C ALA A 270 -8.70 2.37 16.56
N GLY A 271 -7.95 3.43 16.43
CA GLY A 271 -8.62 4.73 16.22
C GLY A 271 -9.47 4.76 14.98
N LEU A 272 -8.94 4.21 13.87
CA LEU A 272 -9.71 4.15 12.64
C LEU A 272 -10.94 3.29 12.78
N LYS A 273 -10.82 2.20 13.48
CA LYS A 273 -11.96 1.33 13.74
C LYS A 273 -13.03 2.06 14.54
N GLN A 274 -12.63 2.88 15.48
CA GLN A 274 -13.62 3.63 16.27
C GLN A 274 -14.25 4.69 15.38
N VAL A 275 -13.47 5.36 14.53
CA VAL A 275 -14.07 6.30 13.58
C VAL A 275 -15.08 5.60 12.72
N GLU A 276 -14.79 4.44 12.23
CA GLU A 276 -15.75 3.70 11.40
C GLU A 276 -17.00 3.42 12.22
N ALA A 277 -16.85 3.00 13.46
CA ALA A 277 -18.02 2.70 14.29
C ALA A 277 -18.82 3.99 14.45
N ASP A 278 -18.20 5.11 14.63
CA ASP A 278 -18.93 6.33 14.97
C ASP A 278 -19.58 6.94 13.75
N THR A 279 -18.97 6.80 12.57
CA THR A 279 -19.36 7.59 11.40
C THR A 279 -19.88 6.69 10.30
N GLY A 280 -19.63 5.42 10.34
CA GLY A 280 -19.92 4.52 9.25
C GLY A 280 -18.85 4.49 8.16
N LEU A 281 -17.83 5.31 8.27
CA LEU A 281 -16.85 5.40 7.15
C LEU A 281 -15.82 4.28 7.27
N PRO A 282 -15.66 3.48 6.23
CA PRO A 282 -14.55 2.58 6.18
C PRO A 282 -13.24 3.34 6.04
N PHE A 283 -12.13 2.65 6.22
CA PHE A 283 -10.82 3.28 6.10
C PHE A 283 -9.96 2.50 5.13
N ARG A 284 -9.12 3.24 4.45
CA ARG A 284 -8.10 2.70 3.52
C ARG A 284 -6.78 3.36 3.86
N LEU A 285 -5.72 2.61 3.81
CA LEU A 285 -4.36 3.14 4.08
C LEU A 285 -3.82 3.61 2.74
N THR A 286 -4.06 4.86 2.41
CA THR A 286 -3.83 5.37 1.04
C THR A 286 -2.39 5.81 0.78
N GLU A 287 -1.54 5.80 1.78
CA GLU A 287 -0.12 6.03 1.52
C GLU A 287 0.62 5.37 2.65
N THR A 288 1.49 4.41 2.34
CA THR A 288 2.29 3.77 3.36
C THR A 288 3.62 3.34 2.78
N ASN A 289 4.65 3.39 3.63
CA ASN A 289 5.83 2.61 3.35
C ASN A 289 6.65 2.51 4.61
N SER A 290 7.82 1.96 4.48
CA SER A 290 8.63 1.58 5.65
C SER A 290 9.22 2.78 6.36
N CYS A 291 9.85 3.67 5.62
N CYS A 291 9.77 3.72 5.63
CA CYS A 291 10.66 4.77 6.16
CA CYS A 291 10.54 4.81 6.22
C CYS A 291 10.34 6.02 5.37
C CYS A 291 10.28 6.04 5.37
N TYR A 292 10.42 7.17 6.02
CA TYR A 292 10.21 8.48 5.39
C TYR A 292 11.31 8.89 4.44
N GLN A 293 11.03 10.01 3.76
CA GLN A 293 11.99 10.69 2.88
C GLN A 293 12.35 9.85 1.67
N GLY A 294 11.44 9.05 1.18
CA GLY A 294 11.68 8.17 0.04
C GLY A 294 12.28 6.85 0.48
N GLY A 295 12.41 6.68 1.82
CA GLY A 295 12.93 5.43 2.34
C GLY A 295 14.34 5.52 2.85
N LYS A 296 14.80 4.48 3.49
CA LYS A 296 16.15 4.44 4.06
C LYS A 296 16.93 3.33 3.37
N GLN A 297 18.02 3.69 2.74
CA GLN A 297 18.88 2.71 2.10
C GLN A 297 19.39 1.73 3.13
N GLY A 298 19.29 0.46 2.84
CA GLY A 298 19.71 -0.62 3.73
C GLY A 298 18.58 -1.09 4.60
N VAL A 299 17.40 -0.48 4.50
CA VAL A 299 16.20 -0.94 5.21
C VAL A 299 15.09 -1.07 4.18
N SER A 300 14.69 0.04 3.60
CA SER A 300 13.49 0.09 2.75
C SER A 300 13.67 -0.67 1.45
N ASP A 301 14.87 -0.74 0.95
CA ASP A 301 15.17 -1.37 -0.34
C ASP A 301 15.68 -2.80 -0.17
N THR A 302 15.31 -3.44 0.91
CA THR A 302 15.84 -4.76 1.25
C THR A 302 14.73 -5.78 1.32
N PHE A 303 15.13 -7.03 1.36
CA PHE A 303 14.22 -8.15 1.54
C PHE A 303 13.38 -7.99 2.78
N ALA A 304 13.94 -7.41 3.83
CA ALA A 304 13.12 -7.21 5.04
C ALA A 304 11.85 -6.42 4.71
N ALA A 305 11.92 -5.54 3.77
CA ALA A 305 10.72 -4.77 3.36
C ALA A 305 9.67 -5.68 2.76
N ALA A 306 10.03 -6.74 2.10
CA ALA A 306 9.05 -7.67 1.58
C ALA A 306 8.28 -8.33 2.72
N LEU A 307 9.01 -8.77 3.75
CA LEU A 307 8.40 -9.37 4.92
C LEU A 307 7.51 -8.35 5.60
N TRP A 308 8.04 -7.16 5.80
CA TRP A 308 7.26 -6.10 6.47
C TRP A 308 5.98 -5.80 5.69
N ALA A 309 6.10 -5.63 4.39
CA ALA A 309 4.94 -5.19 3.60
C ALA A 309 3.90 -6.29 3.49
N GLY A 310 4.33 -7.51 3.24
CA GLY A 310 3.36 -8.59 3.15
C GLY A 310 2.63 -8.78 4.46
N ASP A 311 3.38 -8.75 5.56
CA ASP A 311 2.78 -8.88 6.89
C ASP A 311 1.83 -7.71 7.13
N LEU A 312 2.21 -6.49 6.80
CA LEU A 312 1.35 -5.31 7.03
C LEU A 312 0.05 -5.46 6.27
N MET A 313 0.12 -5.92 5.05
CA MET A 313 -1.10 -6.07 4.25
C MET A 313 -2.09 -6.96 5.03
N TYR A 314 -1.62 -8.08 5.53
CA TYR A 314 -2.51 -8.99 6.27
C TYR A 314 -2.90 -8.43 7.61
N GLN A 315 -1.99 -7.83 8.35
CA GLN A 315 -2.36 -7.26 9.66
C GLN A 315 -3.49 -6.26 9.46
N GLN A 316 -3.35 -5.38 8.49
CA GLN A 316 -4.38 -4.37 8.30
C GLN A 316 -5.67 -4.96 7.74
N ALA A 317 -5.58 -5.96 6.90
CA ALA A 317 -6.79 -6.62 6.41
C ALA A 317 -7.52 -7.28 7.57
N ALA A 318 -6.79 -7.92 8.45
CA ALA A 318 -7.39 -8.58 9.61
C ALA A 318 -8.02 -7.54 10.50
N ALA A 319 -7.53 -6.33 10.52
CA ALA A 319 -8.06 -5.26 11.38
C ALA A 319 -9.22 -4.58 10.71
N GLY A 320 -9.59 -4.92 9.50
CA GLY A 320 -10.77 -4.37 8.84
C GLY A 320 -10.50 -3.25 7.86
N SER A 321 -9.24 -3.02 7.48
CA SER A 321 -8.96 -2.02 6.45
C SER A 321 -9.53 -2.44 5.12
N THR A 322 -9.96 -1.51 4.32
CA THR A 322 -10.42 -1.78 2.96
C THR A 322 -9.29 -1.91 1.98
N GLY A 323 -8.10 -1.49 2.32
CA GLY A 323 -7.03 -1.59 1.32
C GLY A 323 -5.83 -0.79 1.71
N ILE A 324 -4.87 -0.80 0.81
CA ILE A 324 -3.54 -0.28 1.08
C ILE A 324 -2.98 0.31 -0.20
N ASN A 325 -2.06 1.24 -0.04
CA ASN A 325 -1.39 1.83 -1.21
C ASN A 325 0.03 2.11 -0.81
N PHE A 326 0.95 1.29 -1.24
CA PHE A 326 2.37 1.48 -0.90
C PHE A 326 2.95 2.57 -1.79
N HIS A 327 3.53 3.58 -1.17
CA HIS A 327 4.09 4.72 -1.92
C HIS A 327 5.34 4.31 -2.63
N GLY A 328 5.63 5.01 -3.71
CA GLY A 328 6.78 4.64 -4.53
C GLY A 328 6.90 5.54 -5.71
N GLY A 329 7.57 5.02 -6.72
CA GLY A 329 7.90 5.70 -7.95
C GLY A 329 9.38 5.86 -8.10
N GLY A 330 9.73 6.30 -9.29
CA GLY A 330 11.13 6.53 -9.67
C GLY A 330 11.96 5.30 -9.30
N TYR A 331 13.02 5.54 -8.62
CA TYR A 331 13.91 4.53 -8.03
C TYR A 331 13.97 4.73 -6.55
N GLY A 332 12.90 5.22 -5.96
CA GLY A 332 12.90 5.50 -4.52
C GLY A 332 13.29 4.30 -3.72
N TRP A 333 13.95 4.50 -2.60
CA TRP A 333 14.40 3.34 -1.78
C TRP A 333 13.24 2.43 -1.45
N TYR A 334 12.06 2.95 -1.16
CA TYR A 334 10.98 2.06 -0.75
C TYR A 334 10.04 1.65 -1.88
N THR A 335 10.31 2.00 -3.12
CA THR A 335 9.31 1.76 -4.16
C THR A 335 9.12 0.28 -4.40
N PRO A 336 7.90 -0.21 -4.55
CA PRO A 336 7.70 -1.60 -4.97
C PRO A 336 8.20 -1.87 -6.38
N VAL A 337 7.90 -0.98 -7.28
CA VAL A 337 8.29 -1.08 -8.71
C VAL A 337 9.18 0.08 -8.98
N ALA A 338 10.35 -0.16 -9.56
CA ALA A 338 11.27 0.92 -9.95
C ALA A 338 11.37 0.96 -11.46
N GLY A 339 11.70 2.11 -11.99
CA GLY A 339 12.02 2.21 -13.39
C GLY A 339 11.36 3.33 -14.10
N THR A 340 11.52 3.32 -15.42
CA THR A 340 11.02 4.39 -16.29
C THR A 340 10.57 3.77 -17.56
N PRO A 341 9.71 4.48 -18.33
CA PRO A 341 9.32 3.95 -19.64
C PRO A 341 10.51 3.74 -20.58
N GLU A 342 11.49 4.57 -20.53
CA GLU A 342 12.66 4.51 -21.43
C GLU A 342 13.57 3.36 -21.02
N ASP A 343 13.74 3.13 -19.72
CA ASP A 343 14.75 2.18 -19.24
C ASP A 343 14.14 0.87 -18.82
N GLY A 344 12.86 0.81 -18.64
CA GLY A 344 12.17 -0.37 -18.16
C GLY A 344 11.99 -0.40 -16.67
N PHE A 345 11.19 -1.32 -16.24
CA PHE A 345 10.77 -1.43 -14.85
C PHE A 345 11.20 -2.76 -14.26
N ILE A 346 11.41 -2.74 -12.95
CA ILE A 346 11.79 -3.95 -12.23
C ILE A 346 11.03 -4.00 -10.92
N ALA A 347 10.84 -5.19 -10.41
CA ALA A 347 10.27 -5.43 -9.06
C ALA A 347 11.37 -5.34 -8.02
N ARG A 348 11.26 -4.40 -7.11
CA ARG A 348 12.14 -4.29 -5.96
C ARG A 348 11.74 -5.29 -4.90
N PRO A 349 12.56 -5.44 -3.84
CA PRO A 349 12.25 -6.46 -2.86
C PRO A 349 10.83 -6.34 -2.28
N GLU A 350 10.39 -5.13 -1.92
CA GLU A 350 9.07 -4.99 -1.31
C GLU A 350 7.99 -5.60 -2.18
N TYR A 351 8.11 -5.51 -3.47
CA TYR A 351 7.10 -6.06 -4.40
C TYR A 351 6.81 -7.50 -4.07
N TYR A 352 7.82 -8.26 -3.67
CA TYR A 352 7.63 -9.70 -3.49
C TYR A 352 6.75 -10.00 -2.31
N GLY A 353 6.70 -9.14 -1.29
CA GLY A 353 5.74 -9.33 -0.23
C GLY A 353 4.33 -9.06 -0.70
N MET A 354 4.15 -8.06 -1.54
CA MET A 354 2.86 -7.81 -2.16
C MET A 354 2.47 -8.94 -3.10
N LEU A 355 3.44 -9.56 -3.76
CA LEU A 355 3.19 -10.69 -4.66
C LEU A 355 2.68 -11.89 -3.88
N LEU A 356 3.20 -12.13 -2.71
CA LEU A 356 2.72 -13.24 -1.88
C LEU A 356 1.24 -13.00 -1.61
N PHE A 357 0.87 -11.81 -1.18
CA PHE A 357 -0.54 -11.46 -0.97
C PHE A 357 -1.34 -11.69 -2.22
N ALA A 358 -0.84 -11.26 -3.36
CA ALA A 358 -1.58 -11.40 -4.60
C ALA A 358 -1.86 -12.85 -4.88
N GLN A 359 -0.91 -13.71 -4.64
CA GLN A 359 -1.01 -15.12 -4.99
C GLN A 359 -1.88 -15.81 -4.01
N ALA A 360 -1.99 -15.36 -2.82
CA ALA A 360 -2.91 -15.95 -1.86
C ALA A 360 -4.32 -15.66 -2.32
N GLY A 361 -4.59 -14.46 -2.80
CA GLY A 361 -5.93 -14.08 -3.24
C GLY A 361 -6.84 -13.71 -2.10
N ALA A 362 -8.03 -13.33 -2.46
CA ALA A 362 -9.07 -12.83 -1.57
C ALA A 362 -9.75 -14.00 -0.84
N GLY A 363 -10.53 -13.64 0.16
CA GLY A 363 -11.29 -14.65 0.92
C GLY A 363 -11.51 -14.08 2.27
N GLN A 364 -11.89 -14.94 3.20
CA GLN A 364 -12.20 -14.56 4.56
C GLN A 364 -11.10 -15.05 5.49
N LEU A 365 -10.56 -14.14 6.25
CA LEU A 365 -9.55 -14.51 7.24
C LEU A 365 -10.17 -15.37 8.30
N LEU A 366 -9.33 -16.25 8.86
CA LEU A 366 -9.75 -17.25 9.86
C LEU A 366 -8.86 -17.12 11.05
N GLY A 367 -9.27 -17.58 12.19
CA GLY A 367 -8.39 -17.63 13.36
C GLY A 367 -7.17 -18.47 13.10
N ALA A 368 -6.03 -17.98 13.52
CA ALA A 368 -4.75 -18.67 13.35
C ALA A 368 -3.88 -18.29 14.53
N LYS A 369 -3.88 -19.12 15.53
CA LYS A 369 -3.20 -18.83 16.81
C LYS A 369 -1.86 -19.55 16.88
N LEU A 370 -0.86 -18.77 17.20
CA LEU A 370 0.50 -19.31 17.46
C LEU A 370 0.66 -19.63 18.95
N THR A 371 1.33 -20.73 19.21
CA THR A 371 1.73 -21.12 20.57
C THR A 371 3.19 -21.54 20.57
N ASP A 372 3.76 -21.58 21.78
CA ASP A 372 5.15 -22.06 22.02
C ASP A 372 6.09 -21.20 21.22
N ASN A 373 5.73 -19.95 21.09
CA ASN A 373 6.41 -19.07 20.13
C ASN A 373 7.14 -17.93 20.77
N SER A 374 7.33 -17.92 22.08
CA SER A 374 8.02 -16.79 22.72
C SER A 374 9.49 -16.68 22.25
N ALA A 375 10.13 -17.76 21.85
CA ALA A 375 11.52 -17.72 21.35
C ALA A 375 11.55 -17.37 19.86
N ALA A 376 10.40 -17.22 19.22
CA ALA A 376 10.33 -16.82 17.80
C ALA A 376 9.20 -15.86 17.66
N PRO A 377 9.21 -14.77 18.43
CA PRO A 377 8.03 -13.94 18.60
C PRO A 377 7.63 -13.09 17.39
N LEU A 378 8.52 -12.93 16.43
CA LEU A 378 8.24 -12.09 15.25
C LEU A 378 7.70 -12.95 14.13
N LEU A 379 7.43 -14.21 14.31
CA LEU A 379 6.66 -14.99 13.32
C LEU A 379 5.23 -14.54 13.38
N THR A 380 4.66 -14.25 12.23
CA THR A 380 3.22 -14.00 12.10
C THR A 380 2.63 -14.98 11.13
N ALA A 381 1.32 -15.20 11.30
CA ALA A 381 0.62 -16.15 10.44
C ALA A 381 -0.81 -15.70 10.27
N TYR A 382 -1.31 -15.91 9.08
CA TYR A 382 -2.69 -15.54 8.73
C TYR A 382 -3.28 -16.66 7.95
N ALA A 383 -4.47 -17.10 8.32
CA ALA A 383 -5.18 -18.15 7.60
C ALA A 383 -6.34 -17.53 6.89
N LEU A 384 -6.62 -18.05 5.73
CA LEU A 384 -7.62 -17.50 4.80
C LEU A 384 -8.45 -18.63 4.19
N ARG A 385 -9.76 -18.50 4.17
CA ARG A 385 -10.61 -19.35 3.34
C ARG A 385 -10.75 -18.60 2.01
N GLY A 386 -10.09 -19.10 1.00
CA GLY A 386 -10.08 -18.40 -0.28
C GLY A 386 -11.46 -18.36 -0.87
N THR A 387 -11.70 -17.47 -1.83
N THR A 387 -11.68 -17.34 -1.70
CA THR A 387 -13.00 -17.40 -2.53
CA THR A 387 -12.88 -17.25 -2.55
C THR A 387 -13.18 -18.65 -3.38
C THR A 387 -13.14 -18.61 -3.21
N ASP A 388 -12.10 -19.34 -3.69
CA ASP A 388 -12.20 -20.63 -4.37
C ASP A 388 -12.48 -21.79 -3.41
N GLY A 389 -12.66 -21.54 -2.13
CA GLY A 389 -12.93 -22.58 -1.12
C GLY A 389 -11.68 -23.19 -0.54
N ARG A 390 -10.47 -22.92 -1.01
CA ARG A 390 -9.28 -23.58 -0.46
C ARG A 390 -8.69 -22.75 0.65
N THR A 391 -8.18 -23.41 1.65
CA THR A 391 -7.49 -22.74 2.75
C THR A 391 -6.08 -22.38 2.33
N ARG A 392 -5.68 -21.17 2.67
CA ARG A 392 -4.30 -20.71 2.53
C ARG A 392 -3.81 -20.23 3.87
N ILE A 393 -2.50 -20.29 4.04
CA ILE A 393 -1.86 -19.70 5.19
C ILE A 393 -0.68 -18.89 4.72
N ALA A 394 -0.63 -17.63 5.09
CA ALA A 394 0.54 -16.76 4.84
C ALA A 394 1.31 -16.65 6.14
N LEU A 395 2.59 -16.99 6.10
CA LEU A 395 3.46 -16.89 7.28
C LEU A 395 4.61 -15.99 6.95
N PHE A 396 4.97 -15.19 7.92
CA PHE A 396 6.14 -14.29 7.83
C PHE A 396 7.02 -14.57 9.02
N ASN A 397 8.10 -15.29 8.76
CA ASN A 397 9.08 -15.52 9.83
C ASN A 397 10.01 -14.34 9.85
N LYS A 398 9.58 -13.31 10.56
N LYS A 398 9.60 -13.30 10.56
CA LYS A 398 10.34 -12.06 10.62
CA LYS A 398 10.34 -12.04 10.67
C LYS A 398 11.47 -12.14 11.64
C LYS A 398 11.39 -12.07 11.77
N ASN A 399 11.53 -13.22 12.42
CA ASN A 399 12.68 -13.41 13.34
C ASN A 399 13.96 -13.46 12.51
N LEU A 400 14.87 -12.59 12.82
CA LEU A 400 16.12 -12.47 12.03
C LEU A 400 17.11 -13.56 12.34
N ASP A 401 16.98 -14.18 13.48
CA ASP A 401 18.00 -15.15 13.91
C ASP A 401 17.41 -16.50 14.25
N ALA A 402 16.10 -16.69 14.22
CA ALA A 402 15.48 -18.00 14.57
C ALA A 402 14.79 -18.61 13.37
N ASP A 403 15.19 -19.81 12.98
CA ASP A 403 14.37 -20.68 12.14
C ASP A 403 13.21 -21.20 12.96
N VAL A 404 12.14 -21.59 12.30
CA VAL A 404 10.96 -22.14 12.98
C VAL A 404 10.53 -23.41 12.31
N GLU A 405 9.90 -24.24 13.14
CA GLU A 405 9.25 -25.45 12.69
C GLU A 405 7.82 -25.33 13.19
N VAL A 406 6.90 -25.19 12.28
CA VAL A 406 5.50 -24.89 12.60
C VAL A 406 4.66 -26.15 12.46
N ALA A 407 4.11 -26.59 13.60
CA ALA A 407 3.15 -27.70 13.64
C ALA A 407 1.76 -27.11 13.43
N ILE A 408 1.19 -27.40 12.30
CA ILE A 408 -0.08 -26.78 11.85
C ILE A 408 -1.21 -27.77 12.13
N SER A 409 -2.15 -27.33 12.93
N SER A 409 -2.14 -27.29 12.95
CA SER A 409 -3.38 -28.08 13.25
CA SER A 409 -3.36 -27.98 13.40
C SER A 409 -4.57 -27.26 12.82
C SER A 409 -4.56 -27.28 12.77
N GLY A 410 -5.69 -27.97 12.63
CA GLY A 410 -6.93 -27.32 12.24
C GLY A 410 -7.19 -27.28 10.76
N VAL A 411 -6.34 -27.87 9.97
CA VAL A 411 -6.52 -28.00 8.54
C VAL A 411 -6.61 -29.47 8.20
N ALA A 412 -7.66 -29.84 7.49
CA ALA A 412 -7.88 -31.21 7.02
C ALA A 412 -7.81 -31.16 5.50
N SER A 413 -6.73 -31.67 4.93
CA SER A 413 -6.51 -31.64 3.50
C SER A 413 -5.60 -32.80 3.13
N PRO A 414 -5.79 -33.31 1.94
CA PRO A 414 -4.90 -34.39 1.50
C PRO A 414 -3.53 -33.89 1.03
N SER A 415 -3.38 -32.59 0.77
CA SER A 415 -2.14 -32.11 0.14
C SER A 415 -1.99 -30.60 0.37
N GLY A 416 -0.86 -30.24 0.90
CA GLY A 416 -0.51 -28.82 1.05
C GLY A 416 0.76 -28.53 0.27
N THR A 417 0.78 -27.38 -0.41
CA THR A 417 2.02 -26.91 -1.09
C THR A 417 2.46 -25.62 -0.44
N VAL A 418 3.75 -25.34 -0.62
CA VAL A 418 4.32 -24.10 -0.09
C VAL A 418 5.04 -23.38 -1.20
N LEU A 419 4.86 -22.08 -1.26
CA LEU A 419 5.66 -21.15 -2.03
C LEU A 419 6.45 -20.31 -1.08
N ARG A 420 7.75 -20.26 -1.19
CA ARG A 420 8.59 -19.57 -0.24
C ARG A 420 8.99 -18.21 -0.75
N LEU A 421 9.03 -17.26 0.14
CA LEU A 421 9.49 -15.87 -0.07
C LEU A 421 10.86 -15.77 0.59
N GLU A 422 11.89 -15.62 -0.21
CA GLU A 422 13.27 -15.88 0.24
C GLU A 422 14.24 -14.83 -0.30
N ALA A 423 15.25 -14.63 0.50
CA ALA A 423 16.49 -14.00 0.08
C ALA A 423 17.56 -14.53 1.00
N PRO A 424 18.84 -14.47 0.62
CA PRO A 424 19.89 -15.08 1.45
C PRO A 424 20.21 -14.28 2.70
N ARG A 425 19.85 -13.00 2.73
CA ARG A 425 20.08 -12.17 3.89
C ARG A 425 18.91 -11.20 3.98
N ALA A 426 18.60 -10.76 5.17
CA ALA A 426 17.47 -9.86 5.37
C ALA A 426 17.75 -8.53 4.73
N ASP A 427 19.00 -8.10 4.70
CA ASP A 427 19.33 -6.80 4.16
C ASP A 427 19.66 -6.89 2.66
N ASP A 428 19.39 -7.97 1.98
CA ASP A 428 19.73 -8.05 0.56
C ASP A 428 18.85 -7.08 -0.22
N THR A 429 19.44 -6.42 -1.18
CA THR A 429 18.75 -5.52 -2.11
C THR A 429 18.32 -6.22 -3.37
N THR A 430 18.69 -7.47 -3.51
CA THR A 430 18.41 -8.27 -4.67
C THR A 430 18.32 -9.70 -4.20
N ASP A 431 18.35 -10.66 -5.11
CA ASP A 431 18.34 -12.08 -4.78
C ASP A 431 17.04 -12.50 -4.12
N VAL A 432 15.98 -11.77 -4.37
CA VAL A 432 14.67 -12.08 -3.78
C VAL A 432 13.90 -12.94 -4.76
N THR A 433 13.36 -14.04 -4.25
CA THR A 433 12.51 -14.90 -5.05
C THR A 433 11.24 -15.23 -4.31
N PHE A 434 10.25 -15.61 -5.08
CA PHE A 434 9.02 -16.15 -4.51
C PHE A 434 8.67 -17.38 -5.32
N GLY A 435 8.39 -18.48 -4.66
CA GLY A 435 8.10 -19.70 -5.43
C GLY A 435 9.30 -20.14 -6.27
N GLY A 436 10.50 -19.82 -5.81
CA GLY A 436 11.71 -20.25 -6.51
C GLY A 436 11.99 -19.45 -7.75
N ALA A 437 11.39 -18.31 -7.95
CA ALA A 437 11.64 -17.52 -9.16
C ALA A 437 11.62 -16.04 -8.84
N PRO A 438 12.43 -15.26 -9.55
CA PRO A 438 12.26 -13.83 -9.51
C PRO A 438 11.06 -13.45 -10.37
N VAL A 439 10.57 -12.25 -10.15
CA VAL A 439 9.67 -11.58 -11.12
C VAL A 439 10.52 -11.15 -12.29
N GLY A 440 9.97 -11.36 -13.46
CA GLY A 440 10.65 -10.98 -14.69
C GLY A 440 10.20 -9.65 -15.21
N ALA A 441 10.33 -9.46 -16.48
CA ALA A 441 9.94 -8.26 -17.16
C ALA A 441 8.43 -8.11 -17.10
N SER A 442 7.97 -6.88 -16.99
CA SER A 442 6.55 -6.55 -17.13
C SER A 442 5.74 -7.32 -16.11
N GLY A 443 6.30 -7.59 -14.94
CA GLY A 443 5.54 -8.28 -13.90
C GLY A 443 5.36 -9.74 -14.10
N SER A 444 5.93 -10.37 -15.12
N SER A 444 6.13 -10.35 -15.01
CA SER A 444 5.69 -11.80 -15.31
CA SER A 444 5.97 -11.78 -15.31
C SER A 444 6.30 -12.58 -14.17
C SER A 444 6.32 -12.57 -14.05
N TRP A 445 5.53 -13.53 -13.67
CA TRP A 445 5.96 -14.36 -12.56
C TRP A 445 5.22 -15.66 -12.62
N SER A 446 5.96 -16.76 -12.52
N SER A 446 5.89 -16.74 -12.33
CA SER A 446 5.48 -18.18 -12.46
CA SER A 446 5.23 -18.03 -12.13
C SER A 446 6.23 -18.84 -11.31
C SER A 446 6.18 -18.83 -11.30
N PRO A 447 5.64 -19.71 -10.47
CA PRO A 447 6.47 -20.45 -9.57
C PRO A 447 7.29 -21.49 -10.32
N LEU A 448 8.50 -21.73 -9.86
CA LEU A 448 9.38 -22.74 -10.48
C LEU A 448 9.75 -23.82 -9.49
N VAL A 449 9.50 -23.68 -8.23
CA VAL A 449 9.85 -24.80 -7.30
C VAL A 449 8.56 -25.35 -6.69
N GLN A 450 8.28 -26.66 -6.72
CA GLN A 450 7.08 -27.26 -6.09
C GLN A 450 7.55 -27.91 -4.82
N GLU A 451 6.98 -27.56 -3.67
CA GLU A 451 7.32 -28.21 -2.42
C GLU A 451 6.03 -28.54 -1.71
N TYR A 452 5.86 -29.80 -1.33
CA TYR A 452 4.73 -30.25 -0.49
C TYR A 452 5.13 -30.01 0.95
N VAL A 453 4.11 -29.78 1.78
CA VAL A 453 4.31 -29.67 3.24
C VAL A 453 4.00 -31.03 3.81
N PRO A 454 4.94 -31.68 4.56
CA PRO A 454 4.63 -33.03 5.06
C PRO A 454 3.40 -32.98 5.98
N GLY A 455 2.54 -33.99 5.83
CA GLY A 455 1.32 -34.18 6.61
C GLY A 455 1.38 -35.49 7.35
N HIS A 456 0.85 -35.49 8.57
CA HIS A 456 0.79 -36.68 9.45
C HIS A 456 -0.18 -36.39 10.61
N SER A 457 -1.05 -37.33 10.92
CA SER A 457 -2.01 -37.25 12.04
C SER A 457 -2.91 -36.02 11.89
N GLY A 458 -3.35 -35.70 10.65
CA GLY A 458 -4.24 -34.55 10.32
C GLY A 458 -3.53 -33.19 10.48
N GLN A 459 -2.21 -33.19 10.67
CA GLN A 459 -1.38 -31.99 10.93
C GLN A 459 -0.34 -31.91 9.82
N PHE A 460 0.28 -30.76 9.75
CA PHE A 460 1.34 -30.46 8.79
C PHE A 460 2.48 -29.91 9.58
N VAL A 461 3.67 -30.08 9.05
CA VAL A 461 4.86 -29.49 9.67
C VAL A 461 5.61 -28.71 8.60
N LEU A 462 5.78 -27.42 8.87
CA LEU A 462 6.49 -26.52 7.96
C LEU A 462 7.71 -25.97 8.62
N HIS A 463 8.85 -26.14 7.97
N HIS A 463 8.87 -26.15 8.00
CA HIS A 463 10.09 -25.45 8.39
CA HIS A 463 10.09 -25.45 8.43
C HIS A 463 10.15 -24.12 7.65
C HIS A 463 10.15 -24.12 7.66
N MET A 464 10.62 -23.09 8.35
CA MET A 464 10.93 -21.82 7.69
C MET A 464 12.27 -21.35 8.24
N ARG A 465 13.11 -20.94 7.32
CA ARG A 465 14.33 -20.26 7.68
C ARG A 465 14.05 -18.96 8.42
N LYS A 466 14.97 -18.51 9.22
CA LYS A 466 14.98 -17.12 9.69
C LYS A 466 14.77 -16.19 8.50
N ALA A 467 14.08 -15.12 8.79
CA ALA A 467 13.88 -14.05 7.80
C ALA A 467 13.41 -14.63 6.49
N SER A 468 12.21 -15.19 6.49
CA SER A 468 11.61 -15.76 5.27
C SER A 468 10.10 -15.69 5.39
N GLY A 469 9.46 -15.93 4.28
CA GLY A 469 7.99 -16.01 4.25
C GLY A 469 7.53 -17.25 3.53
N ALA A 470 6.26 -17.57 3.68
CA ALA A 470 5.71 -18.77 3.05
C ALA A 470 4.25 -18.56 2.78
N LEU A 471 3.79 -19.11 1.68
CA LEU A 471 2.36 -19.17 1.38
C LEU A 471 2.00 -20.62 1.17
N LEU A 472 1.12 -21.10 2.02
CA LEU A 472 0.65 -22.49 1.94
C LEU A 472 -0.72 -22.51 1.31
N GLU A 473 -0.94 -23.49 0.47
CA GLU A 473 -2.24 -23.70 -0.15
C GLU A 473 -2.64 -25.15 0.03
N PHE A 474 -3.83 -25.38 0.53
CA PHE A 474 -4.30 -26.75 0.81
C PHE A 474 -5.36 -27.13 -0.16
N ALA A 475 -5.20 -28.31 -0.76
CA ALA A 475 -6.22 -28.89 -1.65
C ALA A 475 -7.49 -29.18 -0.87
O11 VON B . 8.32 10.79 3.54
N1 VON B . 4.33 11.36 2.67
C2 VON B . 4.25 12.23 1.49
C3 VON B . 5.08 11.65 0.38
C4 VON B . 6.50 11.33 0.83
C5 VON B . 6.47 10.44 2.07
C6 VON B . 7.91 10.16 2.53
C7 VON B . 5.66 11.09 3.18
O8 VON B . 2.91 12.37 1.17
O9 VON B . 5.05 12.59 -0.66
O10 VON B . 7.17 12.54 1.15
O12 VON B . 8.61 9.40 1.87
S SO4 C . 14.26 8.76 -6.98
O1 SO4 C . 14.49 10.18 -7.12
O2 SO4 C . 13.18 8.60 -6.01
O3 SO4 C . 13.76 8.18 -8.20
O4 SO4 C . 15.41 8.03 -6.51
#